data_3SLO
#
_entry.id   3SLO
#
_cell.length_a   31.140
_cell.length_b   121.664
_cell.length_c   122.998
_cell.angle_alpha   90.000
_cell.angle_beta   90.000
_cell.angle_gamma   90.000
#
_symmetry.space_group_name_H-M   'P 21 21 21'
#
loop_
_entity.id
_entity.type
_entity.pdbx_description
1 polymer 'Serine protease espP'
2 non-polymer (HYDROXYETHYLOXY)TRI(ETHYLOXY)OCTANE
3 water water
#
_entity_poly.entity_id   1
_entity_poly.type   'polypeptide(L)'
_entity_poly.pdbx_seq_one_letter_code
;APKDNHHHHHHANKEATRNAAALFSVDYKAFLNEVDNLNKRMGDLRDINGEAGAWARIMSGTGSASGGFSDNYTHVQVGV
DKKHELDGLDLFTGFTVTHTDSSASADVFSGKTKSVGAGLYASAMFDSGAYIDLIGKYVHHDNEYTATFAGLGTRDYSTH
SWYAGAEAGYRYHVTEDAWIEPQAELVYGSVSGKQFAWKDQGMHLSMKDKDYNPLIGRTGVDVGKSFSGKDWKVTARAGL
GYQFDLLANGETVLRDASGEKRIKGEKDSRMLMSVGLNAEIRDNVRFGLEFEKSAFGKYNVDNAVNANFRYSF
;
_entity_poly.pdbx_strand_id   A
#
loop_
_chem_comp.id
_chem_comp.type
_chem_comp.name
_chem_comp.formula
C8E non-polymer (HYDROXYETHYLOXY)TRI(ETHYLOXY)OCTANE 'C16 H34 O5'
#
# COMPACT_ATOMS: atom_id res chain seq x y z
CA HIS A 8 -34.74 -20.26 9.06
C HIS A 8 -33.18 -20.08 8.95
N HIS A 9 -32.49 -21.09 8.38
CA HIS A 9 -31.00 -21.24 8.41
C HIS A 9 -30.19 -20.54 7.27
N HIS A 10 -30.85 -20.21 6.16
CA HIS A 10 -30.12 -19.58 5.03
C HIS A 10 -29.79 -18.10 5.35
N HIS A 11 -30.75 -17.37 5.96
CA HIS A 11 -30.52 -15.96 6.45
C HIS A 11 -29.33 -15.87 7.39
N ALA A 12 -29.24 -16.81 8.35
CA ALA A 12 -28.09 -16.91 9.28
C ALA A 12 -26.75 -17.09 8.57
N ASN A 13 -26.71 -18.05 7.63
CA ASN A 13 -25.50 -18.33 6.82
C ASN A 13 -25.00 -17.13 5.98
N LYS A 14 -25.93 -16.35 5.39
CA LYS A 14 -25.58 -15.15 4.63
C LYS A 14 -25.02 -14.05 5.55
N GLU A 15 -25.66 -13.87 6.70
CA GLU A 15 -25.18 -12.90 7.69
C GLU A 15 -23.77 -13.28 8.13
N ALA A 16 -23.57 -14.48 8.68
CA ALA A 16 -22.22 -14.88 9.07
C ALA A 16 -21.16 -14.78 7.93
N THR A 17 -21.54 -15.01 6.67
CA THR A 17 -20.64 -14.86 5.52
C THR A 17 -20.23 -13.41 5.27
N ARG A 18 -21.22 -12.52 5.27
CA ARG A 18 -21.00 -11.08 5.13
C ARG A 18 -20.04 -10.57 6.20
N ASN A 19 -20.22 -11.05 7.43
CA ASN A 19 -19.49 -10.51 8.60
C ASN A 19 -18.06 -11.04 8.67
N ALA A 20 -17.91 -12.33 8.39
CA ALA A 20 -16.61 -13.00 8.25
C ALA A 20 -15.82 -12.40 7.10
N ALA A 21 -16.46 -12.25 5.96
CA ALA A 21 -15.84 -11.56 4.84
C ALA A 21 -15.32 -10.16 5.26
N ALA A 22 -16.21 -9.30 5.79
CA ALA A 22 -15.81 -7.95 6.26
C ALA A 22 -14.59 -7.98 7.20
N LEU A 23 -14.60 -8.86 8.19
CA LEU A 23 -13.59 -8.91 9.26
C LEU A 23 -12.25 -9.46 8.82
N PHE A 24 -12.27 -10.61 8.17
CA PHE A 24 -11.03 -11.17 7.66
C PHE A 24 -10.58 -10.35 6.43
N SER A 25 -11.42 -9.43 5.93
CA SER A 25 -10.99 -8.46 4.88
C SER A 25 -9.81 -7.58 5.32
N VAL A 26 -9.81 -7.09 6.57
CA VAL A 26 -8.83 -6.09 7.05
C VAL A 26 -7.35 -6.43 6.77
N ASP A 27 -6.99 -7.71 6.76
CA ASP A 27 -5.65 -8.13 6.33
C ASP A 27 -5.33 -7.80 4.87
N TYR A 28 -6.34 -7.74 3.99
CA TYR A 28 -6.11 -7.30 2.61
C TYR A 28 -5.75 -5.79 2.51
N LYS A 29 -6.40 -4.97 3.35
CA LYS A 29 -6.06 -3.53 3.53
C LYS A 29 -4.74 -3.39 4.29
N ALA A 30 -4.45 -4.24 5.26
CA ALA A 30 -3.11 -4.24 5.85
C ALA A 30 -1.99 -4.49 4.80
N PHE A 31 -2.25 -5.24 3.72
CA PHE A 31 -1.29 -5.41 2.69
C PHE A 31 -1.29 -4.23 1.74
N LEU A 32 -2.46 -3.73 1.35
CA LEU A 32 -2.62 -2.65 0.35
C LEU A 32 -2.05 -1.32 0.82
N ASN A 33 -2.09 -1.09 2.13
CA ASN A 33 -1.42 0.06 2.77
C ASN A 33 0.09 0.12 2.59
N GLU A 34 0.72 -1.05 2.36
CA GLU A 34 2.15 -1.08 2.21
C GLU A 34 2.51 -0.96 0.74
N VAL A 35 1.55 -0.84 -0.15
CA VAL A 35 1.89 -0.74 -1.55
C VAL A 35 2.23 0.70 -1.86
N ASP A 36 3.42 0.91 -2.40
CA ASP A 36 4.03 2.22 -2.64
C ASP A 36 4.24 2.38 -4.15
N ASN A 37 4.74 3.55 -4.58
CA ASN A 37 5.35 3.71 -5.89
C ASN A 37 6.60 4.50 -5.69
N LEU A 38 7.43 4.66 -6.71
CA LEU A 38 8.75 5.26 -6.50
C LEU A 38 8.64 6.68 -5.93
N ASN A 39 7.76 7.49 -6.54
CA ASN A 39 7.65 8.87 -6.19
C ASN A 39 7.03 9.04 -4.80
N LYS A 40 6.10 8.18 -4.44
CA LYS A 40 5.45 8.22 -3.15
C LYS A 40 6.47 7.89 -2.08
N ARG A 41 7.41 7.01 -2.40
CA ARG A 41 8.35 6.56 -1.39
C ARG A 41 9.56 7.46 -1.21
N MET A 42 10.19 7.79 -2.33
CA MET A 42 11.54 8.33 -2.37
C MET A 42 11.56 9.77 -2.81
N GLY A 43 10.48 10.20 -3.47
CA GLY A 43 10.45 11.47 -4.14
C GLY A 43 11.08 11.40 -5.52
N ASP A 44 11.56 12.55 -6.00
CA ASP A 44 12.15 12.65 -7.33
C ASP A 44 13.66 12.37 -7.16
N LEU A 45 14.14 11.33 -7.83
CA LEU A 45 15.53 10.95 -7.72
C LEU A 45 16.32 11.31 -8.97
N ARG A 46 15.74 12.12 -9.85
CA ARG A 46 16.42 12.47 -11.10
C ARG A 46 17.41 13.59 -10.83
N ASP A 47 18.63 13.40 -11.33
CA ASP A 47 19.69 14.41 -11.44
C ASP A 47 20.21 14.89 -10.08
N ILE A 48 20.51 13.92 -9.22
CA ILE A 48 21.06 14.12 -7.88
C ILE A 48 22.60 13.94 -7.93
N ASN A 49 23.34 14.92 -7.41
CA ASN A 49 24.79 14.87 -7.37
C ASN A 49 25.39 14.01 -6.28
N GLY A 50 24.79 14.00 -5.10
CA GLY A 50 25.32 13.23 -3.97
C GLY A 50 25.34 11.71 -4.13
N GLU A 51 26.35 11.08 -3.55
CA GLU A 51 26.55 9.68 -3.70
C GLU A 51 25.99 8.87 -2.54
N ALA A 52 25.25 9.51 -1.67
CA ALA A 52 24.64 8.87 -0.50
C ALA A 52 23.38 9.68 -0.11
N GLY A 53 22.44 9.07 0.60
CA GLY A 53 21.25 9.79 0.93
C GLY A 53 20.56 9.19 2.11
N ALA A 54 19.72 10.01 2.76
CA ALA A 54 18.88 9.60 3.85
C ALA A 54 17.53 10.31 3.67
N TRP A 55 16.45 9.59 3.89
CA TRP A 55 15.14 10.08 3.61
C TRP A 55 14.08 9.59 4.59
N ALA A 56 12.96 10.29 4.59
CA ALA A 56 11.91 10.02 5.50
C ALA A 56 10.60 10.26 4.77
N ARG A 57 9.57 9.60 5.26
CA ARG A 57 8.29 9.76 4.65
C ARG A 57 7.18 9.45 5.64
N ILE A 58 6.06 10.16 5.47
CA ILE A 58 4.86 9.94 6.24
C ILE A 58 3.64 9.98 5.33
N MET A 59 2.78 8.99 5.47
CA MET A 59 1.54 8.98 4.77
C MET A 59 0.41 8.81 5.79
N SER A 60 -0.70 9.54 5.58
CA SER A 60 -1.85 9.43 6.43
C SER A 60 -3.07 9.37 5.55
N GLY A 61 -4.11 8.64 5.96
CA GLY A 61 -5.27 8.48 5.11
C GLY A 61 -6.44 7.63 5.62
N THR A 62 -7.48 7.65 4.82
CA THR A 62 -8.68 6.94 5.13
C THR A 62 -9.36 6.40 3.88
N GLY A 63 -9.99 5.24 4.04
CA GLY A 63 -10.72 4.54 3.00
C GLY A 63 -11.98 3.87 3.51
N SER A 64 -12.83 3.39 2.57
CA SER A 64 -14.09 2.75 2.95
C SER A 64 -14.59 1.74 1.93
N ALA A 65 -15.43 0.83 2.44
CA ALA A 65 -16.10 -0.20 1.66
C ALA A 65 -17.51 -0.41 2.25
N SER A 66 -18.33 -1.28 1.68
CA SER A 66 -19.71 -1.48 2.24
C SER A 66 -19.67 -2.30 3.54
N GLY A 67 -20.82 -2.35 4.22
CA GLY A 67 -20.92 -2.89 5.58
C GLY A 67 -20.50 -1.84 6.63
N GLY A 68 -20.31 -0.59 6.19
CA GLY A 68 -19.80 0.45 7.06
C GLY A 68 -18.35 0.31 7.39
N PHE A 69 -17.59 -0.31 6.49
CA PHE A 69 -16.13 -0.38 6.68
C PHE A 69 -15.48 0.97 6.31
N SER A 70 -14.78 1.54 7.28
CA SER A 70 -13.86 2.65 7.04
C SER A 70 -12.59 2.33 7.80
N ASP A 71 -11.47 2.79 7.30
CA ASP A 71 -10.23 2.72 8.03
C ASP A 71 -9.48 4.02 7.89
N ASN A 72 -8.44 4.17 8.70
CA ASN A 72 -7.49 5.25 8.54
C ASN A 72 -6.21 4.87 9.24
N TYR A 73 -5.11 5.27 8.62
CA TYR A 73 -3.80 4.73 8.90
C TYR A 73 -2.77 5.84 8.89
N THR A 74 -1.66 5.62 9.60
CA THR A 74 -0.50 6.48 9.53
C THR A 74 0.71 5.64 9.27
N HIS A 75 1.41 5.90 8.18
CA HIS A 75 2.57 5.09 7.77
C HIS A 75 3.79 5.98 7.89
N VAL A 76 4.81 5.51 8.59
CA VAL A 76 6.07 6.25 8.70
C VAL A 76 7.18 5.37 8.20
N GLN A 77 8.07 5.93 7.42
CA GLN A 77 9.09 5.15 6.77
C GLN A 77 10.34 6.01 6.66
N VAL A 78 11.52 5.37 6.81
CA VAL A 78 12.83 6.03 6.63
C VAL A 78 13.74 5.14 5.86
N GLY A 79 14.70 5.68 5.16
CA GLY A 79 15.74 4.85 4.57
C GLY A 79 17.04 5.53 4.29
N VAL A 80 18.02 4.73 3.90
CA VAL A 80 19.32 5.26 3.55
C VAL A 80 19.87 4.49 2.32
N ASP A 81 20.62 5.16 1.46
CA ASP A 81 21.14 4.51 0.30
C ASP A 81 22.47 5.02 -0.19
N LYS A 82 23.08 4.28 -1.10
CA LYS A 82 24.25 4.73 -1.85
C LYS A 82 23.77 4.90 -3.28
N LYS A 83 24.25 5.93 -3.96
CA LYS A 83 23.97 6.14 -5.37
C LYS A 83 25.26 5.85 -6.13
N HIS A 84 25.19 4.88 -7.06
CA HIS A 84 26.32 4.50 -7.88
C HIS A 84 26.17 5.23 -9.18
N GLU A 85 27.18 5.98 -9.58
CA GLU A 85 27.12 6.72 -10.84
C GLU A 85 27.73 5.90 -11.97
N LEU A 86 26.86 5.56 -12.93
CA LEU A 86 27.20 4.77 -14.08
C LEU A 86 26.90 5.56 -15.33
N ASP A 87 27.21 5.02 -16.51
CA ASP A 87 27.09 5.76 -17.78
C ASP A 87 25.62 5.99 -18.15
N GLY A 88 25.08 7.15 -17.80
CA GLY A 88 23.70 7.51 -18.13
C GLY A 88 22.70 6.91 -17.17
N LEU A 89 23.19 6.47 -16.02
CA LEU A 89 22.38 5.73 -15.08
C LEU A 89 22.87 6.04 -13.68
N ASP A 90 21.97 6.49 -12.81
CA ASP A 90 22.19 6.58 -11.38
C ASP A 90 21.45 5.42 -10.73
N LEU A 91 22.14 4.58 -9.97
CA LEU A 91 21.50 3.42 -9.32
C LEU A 91 21.54 3.61 -7.80
N PHE A 92 20.38 3.77 -7.19
CA PHE A 92 20.26 3.97 -5.74
C PHE A 92 20.04 2.62 -5.10
N THR A 93 20.91 2.17 -4.21
CA THR A 93 20.69 0.87 -3.59
C THR A 93 20.64 1.16 -2.10
N GLY A 94 19.59 0.73 -1.40
CA GLY A 94 19.50 1.00 0.02
C GLY A 94 18.57 0.10 0.81
N PHE A 95 18.48 0.43 2.09
CA PHE A 95 17.65 -0.24 3.10
C PHE A 95 16.55 0.71 3.55
N THR A 96 15.46 0.14 4.07
CA THR A 96 14.30 0.88 4.54
C THR A 96 13.64 0.16 5.74
N VAL A 97 13.14 0.93 6.71
CA VAL A 97 12.30 0.44 7.78
C VAL A 97 11.00 1.29 7.81
N THR A 98 9.90 0.64 8.15
CA THR A 98 8.60 1.27 8.17
C THR A 98 7.83 1.01 9.47
N HIS A 99 6.89 1.90 9.79
CA HIS A 99 5.92 1.64 10.86
C HIS A 99 4.50 2.09 10.44
N THR A 100 3.47 1.30 10.68
CA THR A 100 2.09 1.69 10.36
C THR A 100 1.22 1.47 11.57
N ASP A 101 0.37 2.44 11.87
CA ASP A 101 -0.71 2.24 12.81
C ASP A 101 -1.97 2.46 12.05
N SER A 102 -2.84 1.48 12.01
CA SER A 102 -4.13 1.71 11.39
C SER A 102 -5.28 1.40 12.33
N SER A 103 -6.45 1.91 12.03
CA SER A 103 -7.61 1.49 12.76
C SER A 103 -8.75 1.28 11.79
N ALA A 104 -9.65 0.40 12.15
CA ALA A 104 -10.61 -0.09 11.20
C ALA A 104 -11.91 -0.39 11.93
N SER A 105 -13.01 -0.22 11.23
CA SER A 105 -14.29 -0.60 11.80
C SER A 105 -15.32 -0.94 10.75
N ALA A 106 -16.43 -1.42 11.24
CA ALA A 106 -17.48 -1.88 10.40
C ALA A 106 -18.69 -2.04 11.32
N ASP A 107 -19.77 -2.56 10.78
CA ASP A 107 -21.00 -2.66 11.54
C ASP A 107 -20.87 -3.62 12.74
N VAL A 108 -20.09 -4.68 12.56
CA VAL A 108 -20.02 -5.74 13.55
C VAL A 108 -18.63 -5.89 14.15
N PHE A 109 -17.75 -4.93 13.93
CA PHE A 109 -16.46 -4.95 14.57
C PHE A 109 -15.70 -3.67 14.44
N SER A 110 -14.68 -3.56 15.29
CA SER A 110 -13.69 -2.51 15.20
C SER A 110 -12.34 -2.96 15.85
N GLY A 111 -11.24 -2.37 15.43
CA GLY A 111 -9.99 -2.50 16.14
C GLY A 111 -8.80 -1.82 15.54
N LYS A 112 -7.61 -2.33 15.88
CA LYS A 112 -6.32 -1.68 15.55
C LYS A 112 -5.28 -2.66 15.02
N THR A 113 -4.33 -2.16 14.25
CA THR A 113 -3.23 -2.97 13.71
C THR A 113 -1.96 -2.16 13.82
N LYS A 114 -0.90 -2.72 14.38
CA LYS A 114 0.42 -2.06 14.43
C LYS A 114 1.36 -2.83 13.51
N SER A 115 2.09 -2.18 12.64
CA SER A 115 3.02 -2.90 11.75
C SER A 115 4.45 -2.39 11.81
N VAL A 116 5.40 -3.29 11.64
CA VAL A 116 6.79 -2.95 11.53
C VAL A 116 7.32 -3.69 10.31
N GLY A 117 8.17 -3.04 9.54
CA GLY A 117 8.72 -3.62 8.34
C GLY A 117 10.14 -3.20 8.07
N ALA A 118 10.79 -3.93 7.16
CA ALA A 118 12.17 -3.69 6.73
C ALA A 118 12.28 -4.22 5.30
N GLY A 119 13.00 -3.47 4.47
CA GLY A 119 13.29 -3.94 3.12
C GLY A 119 14.53 -3.33 2.49
N LEU A 120 14.75 -3.72 1.23
CA LEU A 120 15.84 -3.27 0.40
C LEU A 120 15.30 -2.89 -0.96
N TYR A 121 15.88 -1.87 -1.56
CA TYR A 121 15.45 -1.41 -2.84
C TYR A 121 16.62 -1.09 -3.75
N ALA A 122 16.31 -1.08 -5.03
CA ALA A 122 17.24 -0.61 -6.04
C ALA A 122 16.39 0.27 -6.94
N SER A 123 16.83 1.49 -7.23
CA SER A 123 16.07 2.35 -8.11
C SER A 123 16.98 2.83 -9.17
N ALA A 124 16.64 2.62 -10.44
CA ALA A 124 17.55 2.97 -11.54
C ALA A 124 16.97 4.11 -12.32
N MET A 125 17.67 5.25 -12.32
CA MET A 125 17.22 6.46 -13.00
C MET A 125 18.07 6.65 -14.22
N PHE A 126 17.48 6.50 -15.40
CA PHE A 126 18.28 6.55 -16.63
C PHE A 126 18.22 7.92 -17.25
N ASP A 127 19.35 8.40 -17.76
CA ASP A 127 19.43 9.70 -18.46
C ASP A 127 18.39 9.85 -19.57
N SER A 128 17.96 8.76 -20.20
CA SER A 128 16.94 8.83 -21.25
C SER A 128 15.52 9.21 -20.79
N GLY A 129 15.23 9.17 -19.48
CA GLY A 129 13.90 9.34 -18.90
C GLY A 129 13.29 8.05 -18.35
N ALA A 130 13.91 6.89 -18.65
CA ALA A 130 13.38 5.61 -18.21
C ALA A 130 13.71 5.45 -16.77
N TYR A 131 12.88 4.75 -16.03
CA TYR A 131 13.21 4.34 -14.67
C TYR A 131 12.71 2.93 -14.38
N ILE A 132 13.42 2.25 -13.47
CA ILE A 132 13.01 0.97 -12.89
C ILE A 132 13.20 1.06 -11.36
N ASP A 133 12.21 0.57 -10.59
CA ASP A 133 12.23 0.52 -9.12
C ASP A 133 11.90 -0.91 -8.70
N LEU A 134 12.77 -1.51 -7.90
CA LEU A 134 12.65 -2.83 -7.37
C LEU A 134 12.71 -2.75 -5.86
N ILE A 135 11.76 -3.36 -5.14
CA ILE A 135 11.74 -3.37 -3.66
C ILE A 135 11.25 -4.72 -3.10
N GLY A 136 11.87 -5.19 -2.02
CA GLY A 136 11.49 -6.43 -1.39
C GLY A 136 11.39 -6.11 0.07
N LYS A 137 10.26 -6.41 0.68
CA LYS A 137 10.16 -6.16 2.09
C LYS A 137 9.40 -7.21 2.85
N TYR A 138 9.61 -7.18 4.18
CA TYR A 138 8.92 -7.97 5.21
C TYR A 138 8.18 -7.04 6.20
N VAL A 139 6.90 -7.33 6.48
CA VAL A 139 6.07 -6.58 7.42
C VAL A 139 5.44 -7.51 8.43
N HIS A 140 5.61 -7.20 9.72
CA HIS A 140 4.97 -7.98 10.78
C HIS A 140 3.80 -7.16 11.25
N HIS A 141 2.63 -7.79 11.47
CA HIS A 141 1.39 -7.09 11.88
C HIS A 141 0.88 -7.65 13.20
N ASP A 142 0.68 -6.81 14.20
CA ASP A 142 -0.03 -7.20 15.40
C ASP A 142 -1.45 -6.65 15.26
N ASN A 143 -2.44 -7.49 15.48
CA ASN A 143 -3.81 -7.11 15.21
C ASN A 143 -4.60 -7.30 16.50
N GLU A 144 -5.49 -6.36 16.76
CA GLU A 144 -6.48 -6.51 17.83
C GLU A 144 -7.85 -6.00 17.38
N TYR A 145 -8.80 -6.93 17.21
CA TYR A 145 -10.18 -6.63 16.76
C TYR A 145 -11.19 -7.25 17.70
N THR A 146 -12.27 -6.50 17.95
CA THR A 146 -13.37 -6.86 18.84
C THR A 146 -14.61 -7.02 17.96
N ALA A 147 -15.35 -8.11 18.14
CA ALA A 147 -16.56 -8.36 17.34
C ALA A 147 -17.76 -8.42 18.24
N THR A 148 -18.84 -7.77 17.80
CA THR A 148 -20.05 -7.64 18.55
C THR A 148 -21.01 -8.62 17.89
N PHE A 149 -20.57 -9.88 17.75
CA PHE A 149 -21.25 -10.87 16.88
C PHE A 149 -20.81 -12.35 17.03
N ALA A 150 -21.77 -13.24 17.26
CA ALA A 150 -21.54 -14.68 17.53
C ALA A 150 -20.61 -14.92 18.74
N GLY A 151 -20.54 -13.95 19.66
CA GLY A 151 -19.74 -14.06 20.89
C GLY A 151 -18.26 -14.27 20.63
N LEU A 152 -17.76 -13.68 19.57
CA LEU A 152 -16.37 -13.83 19.22
C LEU A 152 -15.46 -13.07 20.19
N GLY A 153 -15.95 -12.00 20.77
CA GLY A 153 -15.23 -11.23 21.74
C GLY A 153 -14.04 -10.50 21.14
N THR A 154 -13.09 -10.12 22.00
CA THR A 154 -11.84 -9.52 21.55
C THR A 154 -10.85 -10.60 21.14
N ARG A 155 -10.15 -10.36 20.01
CA ARG A 155 -9.10 -11.26 19.50
C ARG A 155 -7.80 -10.53 19.10
N ASP A 156 -6.69 -10.98 19.64
CA ASP A 156 -5.37 -10.51 19.24
C ASP A 156 -4.67 -11.57 18.41
N TYR A 157 -4.18 -11.21 17.22
CA TYR A 157 -3.39 -12.13 16.44
C TYR A 157 -2.30 -11.48 15.56
N SER A 158 -1.26 -12.25 15.29
CA SER A 158 -0.18 -11.82 14.44
C SER A 158 -0.36 -12.30 13.03
N THR A 159 0.14 -11.53 12.08
CA THR A 159 0.29 -11.96 10.70
C THR A 159 1.56 -11.33 10.15
N HIS A 160 2.09 -11.85 9.05
CA HIS A 160 3.23 -11.21 8.42
C HIS A 160 3.08 -11.20 6.93
N SER A 161 3.83 -10.33 6.25
CA SER A 161 3.72 -10.14 4.81
C SER A 161 5.05 -10.00 4.10
N TRP A 162 5.17 -10.71 2.97
CA TRP A 162 6.33 -10.53 2.11
C TRP A 162 5.83 -9.78 0.89
N TYR A 163 6.68 -8.94 0.35
CA TYR A 163 6.29 -8.04 -0.64
C TYR A 163 7.43 -8.00 -1.67
N ALA A 164 7.13 -8.21 -2.94
CA ALA A 164 8.14 -8.01 -3.97
C ALA A 164 7.52 -7.22 -5.08
N GLY A 165 8.00 -6.01 -5.31
CA GLY A 165 7.38 -5.13 -6.30
C GLY A 165 8.35 -4.61 -7.35
N ALA A 166 7.86 -4.51 -8.60
CA ALA A 166 8.67 -4.02 -9.73
C ALA A 166 7.91 -2.92 -10.45
N GLU A 167 8.57 -1.79 -10.69
CA GLU A 167 7.94 -0.66 -11.36
C GLU A 167 8.79 -0.18 -12.50
N ALA A 168 8.17 0.15 -13.62
CA ALA A 168 8.87 0.76 -14.74
C ALA A 168 8.04 1.89 -15.33
N GLY A 169 8.74 2.91 -15.82
CA GLY A 169 8.12 4.10 -16.37
C GLY A 169 9.09 4.85 -17.29
N TYR A 170 8.53 5.76 -18.08
CA TYR A 170 9.30 6.52 -19.05
C TYR A 170 8.81 7.97 -19.08
N ARG A 171 9.66 8.89 -18.67
CA ARG A 171 9.35 10.30 -18.69
C ARG A 171 9.72 10.93 -20.02
N TYR A 172 8.70 11.26 -20.81
CA TYR A 172 8.88 11.89 -22.09
C TYR A 172 8.67 13.42 -21.89
N HIS A 173 9.70 14.17 -22.23
CA HIS A 173 9.67 15.63 -22.14
C HIS A 173 9.00 16.24 -23.35
N VAL A 174 7.75 16.67 -23.19
CA VAL A 174 6.98 17.31 -24.25
C VAL A 174 7.52 18.70 -24.61
N THR A 175 8.06 19.40 -23.62
CA THR A 175 8.71 20.69 -23.81
C THR A 175 9.92 20.79 -22.82
N GLU A 176 10.74 21.83 -22.95
CA GLU A 176 11.89 22.02 -22.04
C GLU A 176 11.47 21.84 -20.57
N ASP A 177 10.20 22.14 -20.26
CA ASP A 177 9.70 22.13 -18.87
C ASP A 177 8.41 21.32 -18.54
N ALA A 178 7.73 20.76 -19.54
CA ALA A 178 6.54 19.93 -19.29
C ALA A 178 6.83 18.46 -19.67
N TRP A 179 6.14 17.51 -19.05
CA TRP A 179 6.37 16.08 -19.30
C TRP A 179 5.15 15.23 -19.05
N ILE A 180 5.12 14.08 -19.74
CA ILE A 180 4.18 12.97 -19.54
C ILE A 180 5.02 11.73 -19.21
N GLU A 181 4.48 10.85 -18.37
CA GLU A 181 5.21 9.70 -17.84
C GLU A 181 4.28 8.50 -17.62
N PRO A 182 4.10 7.63 -18.65
CA PRO A 182 3.43 6.35 -18.40
C PRO A 182 4.21 5.43 -17.47
N GLN A 183 3.49 4.64 -16.65
CA GLN A 183 4.09 3.78 -15.62
C GLN A 183 3.39 2.43 -15.55
N ALA A 184 4.05 1.43 -15.02
CA ALA A 184 3.42 0.16 -14.84
C ALA A 184 4.09 -0.50 -13.67
N GLU A 185 3.32 -1.17 -12.84
CA GLU A 185 3.87 -1.71 -11.61
C GLU A 185 3.21 -3.01 -11.32
N LEU A 186 3.97 -3.94 -10.74
CA LEU A 186 3.45 -5.26 -10.37
C LEU A 186 3.98 -5.56 -8.98
N VAL A 187 3.11 -5.95 -8.06
CA VAL A 187 3.48 -6.20 -6.68
C VAL A 187 2.91 -7.55 -6.21
N TYR A 188 3.83 -8.42 -5.84
CA TYR A 188 3.55 -9.81 -5.53
C TYR A 188 3.71 -9.89 -4.04
N GLY A 189 2.80 -10.59 -3.36
CA GLY A 189 2.88 -10.70 -1.93
C GLY A 189 2.56 -12.07 -1.38
N SER A 190 2.76 -12.22 -0.08
CA SER A 190 2.72 -13.56 0.54
C SER A 190 2.32 -13.45 2.00
N VAL A 191 1.06 -13.04 2.19
CA VAL A 191 0.31 -12.81 3.45
C VAL A 191 -0.11 -14.12 4.10
N SER A 192 -0.31 -14.11 5.40
CA SER A 192 -0.46 -15.34 6.17
C SER A 192 -1.83 -15.46 6.83
N GLY A 193 -2.32 -16.68 6.90
CA GLY A 193 -3.64 -16.94 7.42
C GLY A 193 -3.69 -16.97 8.93
N LYS A 194 -4.91 -16.84 9.47
CA LYS A 194 -5.16 -16.94 10.92
C LYS A 194 -6.29 -17.97 11.20
N GLN A 195 -6.41 -18.44 12.44
CA GLN A 195 -7.49 -19.41 12.79
C GLN A 195 -8.09 -19.07 14.16
N PHE A 196 -9.40 -18.82 14.24
CA PHE A 196 -10.11 -18.69 15.54
C PHE A 196 -11.02 -19.91 15.78
N ALA A 197 -11.03 -20.46 17.00
CA ALA A 197 -11.97 -21.53 17.42
C ALA A 197 -12.60 -21.03 18.70
N TRP A 198 -13.92 -21.12 18.85
CA TRP A 198 -14.56 -20.54 20.05
C TRP A 198 -15.93 -21.13 20.29
N LYS A 199 -16.47 -20.84 21.47
CA LYS A 199 -17.80 -21.31 21.84
C LYS A 199 -18.76 -20.09 22.01
N ASP A 200 -19.94 -20.19 21.39
CA ASP A 200 -21.11 -19.32 21.65
C ASP A 200 -22.33 -20.27 21.79
N GLN A 201 -23.16 -20.03 22.81
CA GLN A 201 -24.38 -20.81 23.03
C GLN A 201 -24.10 -22.31 23.19
N GLY A 202 -22.94 -22.64 23.73
CA GLY A 202 -22.53 -24.06 23.95
C GLY A 202 -22.21 -24.86 22.68
N MET A 203 -21.63 -24.17 21.68
CA MET A 203 -21.49 -24.72 20.32
C MET A 203 -20.15 -24.27 19.77
N HIS A 204 -19.30 -25.23 19.41
CA HIS A 204 -18.01 -24.93 18.86
C HIS A 204 -18.23 -24.29 17.51
N LEU A 205 -17.59 -23.15 17.30
CA LEU A 205 -17.53 -22.53 16.00
C LEU A 205 -16.07 -22.29 15.66
N SER A 206 -15.81 -21.95 14.42
CA SER A 206 -14.45 -21.70 13.98
C SER A 206 -14.40 -20.93 12.68
N MET A 207 -13.29 -20.23 12.49
CA MET A 207 -13.09 -19.36 11.35
C MET A 207 -11.62 -19.42 10.98
N LYS A 208 -11.30 -19.95 9.80
CA LYS A 208 -9.91 -20.27 9.41
C LYS A 208 -9.64 -19.73 8.00
N ASP A 209 -8.69 -18.82 7.83
CA ASP A 209 -8.33 -18.40 6.48
C ASP A 209 -6.94 -18.92 6.17
N LYS A 210 -6.71 -19.20 4.89
CA LYS A 210 -5.47 -19.79 4.48
C LYS A 210 -4.49 -18.69 4.13
N ASP A 211 -3.22 -19.04 4.24
CA ASP A 211 -2.13 -18.27 3.64
C ASP A 211 -2.55 -17.89 2.23
N TYR A 212 -2.38 -16.63 1.83
CA TYR A 212 -2.67 -16.28 0.44
C TYR A 212 -1.62 -15.40 -0.19
N ASN A 213 -1.81 -15.13 -1.48
CA ASN A 213 -0.77 -14.48 -2.30
C ASN A 213 -1.28 -13.40 -3.26
N PRO A 214 -1.39 -12.17 -2.79
CA PRO A 214 -1.91 -11.09 -3.64
C PRO A 214 -0.97 -10.81 -4.79
N LEU A 215 -1.53 -10.49 -5.95
CA LEU A 215 -0.80 -9.92 -7.07
C LEU A 215 -1.58 -8.63 -7.43
N ILE A 216 -0.93 -7.48 -7.30
CA ILE A 216 -1.60 -6.22 -7.56
C ILE A 216 -0.89 -5.52 -8.70
N GLY A 217 -1.64 -5.15 -9.73
CA GLY A 217 -1.08 -4.46 -10.88
C GLY A 217 -1.53 -3.02 -10.89
N ARG A 218 -0.73 -2.15 -11.50
CA ARG A 218 -1.08 -0.76 -11.70
C ARG A 218 -0.52 -0.31 -13.03
N THR A 219 -1.34 0.42 -13.78
CA THR A 219 -0.91 1.14 -14.96
C THR A 219 -1.49 2.59 -14.93
N GLY A 220 -0.67 3.58 -15.30
CA GLY A 220 -1.06 4.95 -15.12
C GLY A 220 -0.17 5.86 -15.92
N VAL A 221 -0.57 7.12 -15.94
CA VAL A 221 0.21 8.21 -16.52
C VAL A 221 0.26 9.31 -15.47
N ASP A 222 1.44 9.89 -15.30
CA ASP A 222 1.65 11.12 -14.56
C ASP A 222 2.07 12.19 -15.54
N VAL A 223 1.71 13.43 -15.21
CA VAL A 223 2.06 14.61 -16.01
C VAL A 223 2.61 15.69 -15.07
N GLY A 224 3.54 16.48 -15.60
CA GLY A 224 4.19 17.52 -14.80
C GLY A 224 4.69 18.76 -15.55
N LYS A 225 4.90 19.79 -14.77
CA LYS A 225 5.22 21.13 -15.24
C LYS A 225 6.14 21.64 -14.18
N SER A 226 7.35 22.06 -14.57
CA SER A 226 8.38 22.48 -13.62
C SER A 226 8.77 23.92 -13.78
N PHE A 227 9.30 24.51 -12.71
CA PHE A 227 9.72 25.92 -12.65
C PHE A 227 11.03 25.90 -11.88
N SER A 228 11.94 26.75 -12.32
CA SER A 228 13.33 26.73 -11.85
C SER A 228 13.92 28.08 -11.54
N GLY A 229 14.85 28.08 -10.61
CA GLY A 229 15.85 29.16 -10.55
C GLY A 229 17.21 28.49 -10.44
N LYS A 230 18.25 29.32 -10.34
CA LYS A 230 19.61 28.86 -10.08
C LYS A 230 19.67 27.92 -8.90
N ASP A 231 19.01 28.21 -7.79
CA ASP A 231 19.13 27.29 -6.63
C ASP A 231 17.82 26.64 -6.14
N TRP A 232 16.82 26.47 -6.99
CA TRP A 232 15.59 25.75 -6.60
C TRP A 232 14.84 25.27 -7.83
N LYS A 233 14.04 24.22 -7.66
CA LYS A 233 13.04 23.80 -8.63
C LYS A 233 11.71 23.39 -7.91
N VAL A 234 10.57 23.64 -8.55
CA VAL A 234 9.32 23.05 -8.11
C VAL A 234 8.58 22.49 -9.30
N THR A 235 8.01 21.30 -9.15
CA THR A 235 7.28 20.65 -10.24
C THR A 235 5.86 20.42 -9.79
N ALA A 236 4.85 20.96 -10.50
CA ALA A 236 3.46 20.58 -10.23
C ALA A 236 3.20 19.27 -10.96
N ARG A 237 2.65 18.27 -10.28
CA ARG A 237 2.31 17.04 -10.93
C ARG A 237 0.93 16.53 -10.54
N ALA A 238 0.36 15.75 -11.47
CA ALA A 238 -0.95 15.12 -11.36
C ALA A 238 -0.83 13.74 -11.99
N GLY A 239 -1.61 12.78 -11.53
CA GLY A 239 -1.58 11.41 -12.07
C GLY A 239 -2.94 10.71 -12.09
N LEU A 240 -3.16 9.92 -13.12
CA LEU A 240 -4.33 9.06 -13.28
C LEU A 240 -3.83 7.62 -13.45
N GLY A 241 -4.41 6.69 -12.70
CA GLY A 241 -4.02 5.31 -12.82
C GLY A 241 -5.15 4.33 -12.64
N TYR A 242 -4.85 3.07 -12.95
CA TYR A 242 -5.77 1.98 -12.74
C TYR A 242 -5.01 0.92 -11.93
N GLN A 243 -5.52 0.56 -10.76
CA GLN A 243 -4.95 -0.43 -9.84
C GLN A 243 -5.91 -1.61 -9.74
N PHE A 244 -5.35 -2.85 -9.86
CA PHE A 244 -6.19 -4.08 -9.97
C PHE A 244 -5.58 -5.33 -9.37
N ASP A 245 -6.37 -6.10 -8.61
CA ASP A 245 -6.00 -7.48 -8.29
C ASP A 245 -6.02 -8.32 -9.56
N LEU A 246 -4.96 -9.12 -9.74
CA LEU A 246 -4.86 -10.13 -10.80
C LEU A 246 -5.15 -11.57 -10.26
N LEU A 247 -5.36 -11.64 -8.94
CA LEU A 247 -5.49 -12.88 -8.20
C LEU A 247 -6.29 -12.61 -6.91
N ALA A 248 -7.15 -13.55 -6.55
CA ALA A 248 -7.72 -13.56 -5.22
C ALA A 248 -7.76 -15.01 -4.79
N ASN A 249 -6.67 -15.49 -4.22
CA ASN A 249 -6.58 -16.90 -3.88
C ASN A 249 -6.85 -17.16 -2.38
N GLY A 250 -7.46 -16.17 -1.70
CA GLY A 250 -7.92 -16.34 -0.32
C GLY A 250 -9.17 -17.19 -0.18
N GLU A 251 -9.40 -17.69 1.02
CA GLU A 251 -10.53 -18.60 1.28
C GLU A 251 -10.69 -18.58 2.79
N THR A 252 -11.83 -18.11 3.25
CA THR A 252 -12.25 -18.28 4.63
C THR A 252 -13.16 -19.52 4.68
N VAL A 253 -12.95 -20.37 5.67
CA VAL A 253 -13.81 -21.50 5.92
C VAL A 253 -14.45 -21.28 7.27
N LEU A 254 -15.77 -21.23 7.34
CA LEU A 254 -16.50 -21.24 8.62
C LEU A 254 -17.07 -22.67 8.93
N ARG A 255 -16.73 -23.23 10.09
CA ARG A 255 -17.18 -24.54 10.56
C ARG A 255 -18.15 -24.31 11.71
N ASP A 256 -19.04 -25.27 11.91
CA ASP A 256 -20.13 -25.11 12.87
C ASP A 256 -20.74 -26.49 13.16
N ALA A 257 -21.54 -26.60 14.21
CA ALA A 257 -22.30 -27.85 14.49
C ALA A 257 -22.88 -28.52 13.22
N SER A 258 -23.71 -27.77 12.48
CA SER A 258 -24.28 -28.25 11.20
C SER A 258 -23.29 -28.56 10.05
N GLY A 259 -22.29 -27.70 9.79
CA GLY A 259 -21.34 -27.95 8.69
C GLY A 259 -20.35 -26.84 8.32
N GLU A 260 -19.73 -27.01 7.15
CA GLU A 260 -18.59 -26.22 6.69
C GLU A 260 -19.09 -25.35 5.55
N LYS A 261 -18.72 -24.08 5.53
CA LYS A 261 -19.05 -23.17 4.41
C LYS A 261 -17.76 -22.45 3.98
N ARG A 262 -17.54 -22.37 2.66
CA ARG A 262 -16.31 -21.80 2.08
C ARG A 262 -16.62 -20.53 1.30
N ILE A 263 -15.79 -19.53 1.45
CA ILE A 263 -16.02 -18.21 0.87
C ILE A 263 -14.73 -17.79 0.20
N LYS A 264 -14.71 -17.75 -1.14
CA LYS A 264 -13.46 -17.53 -1.85
C LYS A 264 -13.19 -16.03 -1.95
N GLY A 265 -11.91 -15.66 -2.09
CA GLY A 265 -11.53 -14.26 -2.29
C GLY A 265 -12.19 -13.70 -3.54
N GLU A 266 -12.41 -12.39 -3.56
CA GLU A 266 -12.91 -11.74 -4.76
C GLU A 266 -11.87 -10.68 -5.16
N LYS A 267 -11.64 -10.52 -6.47
CA LYS A 267 -10.80 -9.44 -6.97
C LYS A 267 -11.48 -8.10 -6.76
N ASP A 268 -10.67 -7.04 -6.61
CA ASP A 268 -11.17 -5.67 -6.62
C ASP A 268 -10.22 -4.87 -7.48
N SER A 269 -10.70 -3.79 -8.09
CA SER A 269 -9.93 -2.80 -8.85
C SER A 269 -10.53 -1.43 -8.65
N ARG A 270 -9.76 -0.35 -8.84
CA ARG A 270 -10.20 1.05 -8.62
C ARG A 270 -9.39 2.01 -9.48
N MET A 271 -9.88 3.23 -9.69
CA MET A 271 -9.09 4.27 -10.39
C MET A 271 -8.41 5.11 -9.36
N LEU A 272 -7.14 5.37 -9.57
CA LEU A 272 -6.35 6.17 -8.65
C LEU A 272 -6.19 7.55 -9.26
N MET A 273 -6.22 8.57 -8.39
CA MET A 273 -6.05 10.00 -8.75
C MET A 273 -5.13 10.69 -7.74
N SER A 274 -4.23 11.55 -8.22
CA SER A 274 -3.34 12.26 -7.31
C SER A 274 -2.95 13.62 -7.85
N VAL A 275 -2.65 14.53 -6.94
CA VAL A 275 -2.00 15.80 -7.33
C VAL A 275 -0.88 16.09 -6.36
N GLY A 276 0.14 16.81 -6.79
CA GLY A 276 1.27 17.03 -5.90
C GLY A 276 2.31 17.98 -6.42
N LEU A 277 3.37 18.13 -5.65
CA LEU A 277 4.52 18.86 -6.07
C LEU A 277 5.76 18.13 -5.60
N ASN A 278 6.85 18.32 -6.33
CA ASN A 278 8.18 17.94 -5.88
C ASN A 278 9.06 19.18 -5.88
N ALA A 279 9.77 19.44 -4.78
CA ALA A 279 10.67 20.60 -4.68
C ALA A 279 12.11 20.20 -4.48
N GLU A 280 13.00 21.07 -4.98
CA GLU A 280 14.42 21.05 -4.71
C GLU A 280 14.83 22.39 -4.09
N ILE A 281 15.61 22.36 -3.03
CA ILE A 281 16.18 23.57 -2.46
C ILE A 281 17.71 23.46 -2.32
N ARG A 282 18.45 24.31 -3.04
CA ARG A 282 19.93 24.22 -3.06
C ARG A 282 20.37 22.78 -3.48
N ASP A 283 21.56 22.31 -3.06
CA ASP A 283 22.07 21.01 -3.64
C ASP A 283 21.65 19.70 -2.90
N ASN A 284 21.21 19.81 -1.65
CA ASN A 284 20.96 18.66 -0.78
C ASN A 284 19.50 18.24 -0.48
N VAL A 285 18.56 19.16 -0.46
CA VAL A 285 17.22 18.91 0.09
C VAL A 285 16.20 18.70 -1.00
N ARG A 286 15.43 17.63 -0.92
CA ARG A 286 14.25 17.51 -1.78
C ARG A 286 13.02 17.25 -0.96
N PHE A 287 11.87 17.63 -1.47
CA PHE A 287 10.62 17.45 -0.75
C PHE A 287 9.50 17.15 -1.71
N GLY A 288 8.76 16.07 -1.42
CA GLY A 288 7.61 15.64 -2.19
C GLY A 288 6.36 15.74 -1.33
N LEU A 289 5.24 16.01 -1.95
CA LEU A 289 3.95 16.05 -1.27
C LEU A 289 2.88 15.62 -2.25
N GLU A 290 2.03 14.66 -1.89
CA GLU A 290 0.81 14.43 -2.70
C GLU A 290 -0.48 14.16 -1.98
N PHE A 291 -1.56 14.59 -2.61
CA PHE A 291 -2.93 14.32 -2.21
C PHE A 291 -3.45 13.27 -3.20
N GLU A 292 -4.16 12.27 -2.69
CA GLU A 292 -4.61 11.18 -3.54
C GLU A 292 -5.88 10.53 -3.04
N LYS A 293 -6.63 9.97 -3.97
CA LYS A 293 -7.84 9.20 -3.65
C LYS A 293 -8.17 8.19 -4.72
N SER A 294 -9.23 7.42 -4.50
CA SER A 294 -9.63 6.43 -5.48
C SER A 294 -11.12 6.41 -5.67
N ALA A 295 -11.51 5.99 -6.87
CA ALA A 295 -12.91 5.80 -7.25
C ALA A 295 -13.18 4.37 -7.75
N PHE A 296 -14.41 3.92 -7.57
CA PHE A 296 -15.02 2.76 -8.23
C PHE A 296 -14.71 1.39 -7.62
N GLY A 297 -13.86 1.30 -6.63
CA GLY A 297 -13.62 0.00 -6.04
C GLY A 297 -14.69 -0.39 -5.04
N LYS A 298 -14.73 -1.67 -4.68
CA LYS A 298 -15.46 -2.05 -3.47
C LYS A 298 -14.82 -1.33 -2.29
N TYR A 299 -13.48 -1.29 -2.29
CA TYR A 299 -12.71 -0.46 -1.38
C TYR A 299 -12.10 0.75 -2.11
N ASN A 300 -12.19 1.92 -1.50
CA ASN A 300 -11.57 3.14 -2.02
C ASN A 300 -10.79 3.90 -0.96
N VAL A 301 -9.67 4.51 -1.36
CA VAL A 301 -9.07 5.54 -0.57
C VAL A 301 -9.96 6.76 -0.77
N ASP A 302 -10.55 7.29 0.30
CA ASP A 302 -11.46 8.44 0.21
C ASP A 302 -10.68 9.76 0.25
N ASN A 303 -9.55 9.71 0.95
CA ASN A 303 -8.68 10.85 1.12
C ASN A 303 -7.39 10.44 1.80
N ALA A 304 -6.27 10.76 1.18
CA ALA A 304 -4.94 10.57 1.80
C ALA A 304 -3.88 11.56 1.29
N VAL A 305 -2.81 11.79 2.08
CA VAL A 305 -1.73 12.75 1.80
C VAL A 305 -0.43 12.07 2.16
N ASN A 306 0.64 12.30 1.39
CA ASN A 306 1.94 11.67 1.53
C ASN A 306 3.01 12.75 1.40
N ALA A 307 4.01 12.72 2.29
CA ALA A 307 5.13 13.68 2.23
C ALA A 307 6.42 12.90 2.31
N ASN A 308 7.38 13.29 1.50
CA ASN A 308 8.68 12.75 1.68
C ASN A 308 9.76 13.81 1.67
N PHE A 309 10.88 13.51 2.33
CA PHE A 309 11.99 14.45 2.44
C PHE A 309 13.25 13.68 2.26
N ARG A 310 14.07 14.10 1.29
CA ARG A 310 15.37 13.50 1.03
C ARG A 310 16.50 14.51 1.20
N TYR A 311 17.48 14.12 2.01
CA TYR A 311 18.75 14.81 2.16
C TYR A 311 19.88 13.99 1.46
N SER A 312 20.35 14.47 0.32
CA SER A 312 21.41 13.82 -0.45
C SER A 312 22.77 14.51 -0.31
N PHE A 313 23.83 13.73 -0.13
CA PHE A 313 25.17 14.25 0.16
C PHE A 313 26.35 13.44 -0.38
C8 C8E B . 0.00 11.86 11.91
O9 C8E B . -0.84 11.07 12.73
C10 C8E B . -0.14 10.21 13.64
C11 C8E B . -1.03 9.61 14.75
O12 C8E B . -1.38 8.25 14.55
C13 C8E B . -2.73 8.06 14.13
C14 C8E B . -3.11 6.57 14.04
O15 C8E B . -4.13 6.35 13.06
C16 C8E B . -5.30 5.84 13.65
C1 C8E C . 11.57 -7.63 -6.96
C2 C8E C . 12.72 -7.97 -5.99
C3 C8E C . 13.68 -6.78 -5.89
C4 C8E C . 14.71 -6.84 -4.76
C5 C8E C . 15.53 -5.54 -4.62
C6 C8E C . 16.93 -5.51 -5.27
C7 C8E C . 18.03 -5.55 -4.19
C8 C8E C . 19.23 -4.60 -4.37
O9 C8E C . 19.48 -3.97 -3.12
C10 C8E C . 20.82 -3.66 -2.82
C11 C8E C . 20.85 -2.94 -1.45
O12 C8E C . 22.18 -2.54 -1.10
C13 C8E C . 22.29 -1.90 0.16
C14 C8E C . 23.75 -1.51 0.49
O15 C8E C . 24.05 -0.11 0.34
C16 C8E C . 23.54 0.75 1.38
C17 C8E C . 24.53 1.09 2.51
O18 C8E C . 24.11 2.28 3.18
C19 C8E C . 24.70 2.46 4.45
C1 C8E D . -5.18 6.39 -17.80
C2 C8E D . -6.22 6.20 -16.68
C3 C8E D . -7.07 4.93 -16.79
C4 C8E D . -7.95 4.69 -15.53
C5 C8E D . -9.22 3.79 -15.67
C6 C8E D . -9.85 3.32 -14.35
C7 C8E D . -10.96 2.31 -14.52
C8 C8E D . -11.54 1.81 -13.21
O9 C8E D . -12.72 0.96 -13.41
C10 C8E D . -13.06 0.15 -12.26
C11 C8E D . -14.35 -0.69 -12.35
O12 C8E D . -14.49 -1.48 -11.16
C1 C8E E . -0.57 3.04 -19.78
C2 C8E E . -1.89 3.35 -19.03
C3 C8E E . -3.17 2.81 -19.71
C4 C8E E . -4.39 2.62 -18.77
C5 C8E E . -5.33 1.44 -19.12
C6 C8E E . -6.72 1.62 -18.49
C7 C8E E . -7.62 0.37 -18.53
C8 C8E E . -9.12 0.67 -18.43
O9 C8E E . -9.83 -0.28 -17.61
C10 C8E E . -11.26 -0.27 -17.69
C11 C8E E . -11.88 -1.64 -17.37
O12 C8E E . -12.99 -1.57 -16.49
C1 C8E F . 9.66 -7.08 -14.44
C2 C8E F . 9.41 -6.67 -15.89
C3 C8E F . 9.86 -5.22 -16.09
C4 C8E F . 10.56 -4.90 -17.43
C5 C8E F . 11.57 -3.74 -17.24
C6 C8E F . 11.91 -2.91 -18.48
C7 C8E F . 13.11 -2.00 -18.18
C8 C8E F . 13.74 -1.31 -19.42
O9 C8E F . 14.89 -0.51 -19.10
C10 C8E F . 15.08 0.68 -19.88
C11 C8E F . 16.59 0.91 -20.07
O12 C8E F . 16.99 2.20 -20.53
C13 C8E F . 16.24 2.74 -21.58
C14 C8E F . 17.15 3.70 -22.34
O15 C8E F . 16.57 4.08 -23.58
C16 C8E F . 15.16 4.35 -23.64
C17 C8E F . 14.79 5.21 -24.85
C3 C8E G . 8.74 23.91 -0.71
C4 C8E G . 9.27 23.89 0.73
C5 C8E G . 10.03 22.64 1.25
C6 C8E G . 10.62 22.80 2.68
C7 C8E G . 12.06 22.31 2.84
C8 C8E G . 12.93 22.95 3.96
O9 C8E G . 14.10 23.58 3.42
C10 C8E G . 15.12 24.07 4.28
C11 C8E G . 16.15 24.84 3.44
O12 C8E G . 17.47 24.70 3.97
C13 C8E G . 18.47 25.52 3.35
C14 C8E G . 19.89 24.89 3.37
O15 C8E G . 20.93 25.86 3.14
C16 C8E G . 22.28 25.40 3.25
C17 C8E G . 23.25 26.28 2.45
C1 C8E H . -1.46 20.69 -10.70
C2 C8E H . -1.31 19.88 -12.00
C3 C8E H . -0.13 20.23 -12.94
C4 C8E H . -0.24 19.45 -14.26
C5 C8E H . 0.36 20.10 -15.52
C6 C8E H . 0.19 19.21 -16.77
C7 C8E H . 1.07 19.54 -18.00
C8 C8E H . 1.36 18.25 -18.79
O9 C8E H . 1.73 18.43 -20.16
C10 C8E H . 1.34 17.37 -21.01
C11 C8E H . 0.57 17.91 -22.23
O12 C8E H . 1.13 17.41 -23.43
C13 C8E H . 0.69 18.01 -24.65
C1 C8E I . 13.77 -8.69 2.28
C2 C8E I . 13.90 -8.00 3.65
C3 C8E I . 14.37 -8.91 4.78
C4 C8E I . 13.77 -8.53 6.15
C5 C8E I . 14.27 -9.40 7.31
C6 C8E I . 13.22 -9.77 8.38
C7 C8E I . 13.02 -11.31 8.53
C8 C8E I . 12.39 -11.70 9.87
O9 C8E I . 11.87 -13.03 9.91
C10 C8E I . 11.14 -13.33 11.10
C11 C8E I . 12.04 -13.66 12.33
O12 C8E I . 11.76 -12.83 13.47
C13 C8E I . 12.88 -12.42 14.26
C14 C8E I . 13.01 -10.90 14.27
#